data_2MJX
#
_entry.id   2MJX
#
loop_
_entity.id
_entity.type
_entity.pdbx_description
1 polymer "DNA (5'-D(*GP*CP*GP*CP*AP*TP*GP*CP*TP*AP*CP*GP*CP*G)-3')"
2 polymer "DNA (5'-D(*CP*GP*CP*GP*TP*AP*CP*GP*AP*TP*GP*CP*GP*C)-3')"
#
loop_
_entity_poly.entity_id
_entity_poly.type
_entity_poly.pdbx_seq_one_letter_code
_entity_poly.pdbx_strand_id
1 'polydeoxyribonucleotide' (DG)(DC)(DG)(DC)(DA)(DT)(DG)(DC)(DT)(DA)(DC)(DG)(DC)(DG) A
2 'polydeoxyribonucleotide' (DC)(DG)(DC)(DG)(DT)(DA)(DC)(DG)(DA)(DT)(DG)(DC)(DG)(DC) B
#